data_8OOD
#
_entry.id   8OOD
#
_cell.length_a   81.496
_cell.length_b   81.496
_cell.length_c   232.723
_cell.angle_alpha   90.000
_cell.angle_beta   90.000
_cell.angle_gamma   120.000
#
_symmetry.space_group_name_H-M   'P 61 2 2'
#
loop_
_entity.id
_entity.type
_entity.pdbx_description
1 polymer 'DDB1- and CUL4-associated factor 1'
2 non-polymer 'MAGNESIUM ION'
3 non-polymer 'ACETATE ION'
4 non-polymer 1,2-ETHANEDIOL
5 non-polymer ~{N}-[2-[2-[2-[2-[2-[2-[3-[4-[4-(2-azanylethylamino)-2-[1-(4-chlorophenyl)cyclopentyl]quinazolin-7-yl]piperazin-1-yl]-3-oxidanylidene-propoxy]ethoxy]ethoxy]ethoxy]ethoxy]ethoxy]ethyl]ethanamide
6 water water
#
_entity_poly.entity_id   1
_entity_poly.type   'polypeptide(L)'
_entity_poly.pdbx_seq_one_letter_code
;GGGREPKQRRQAPINFTSRLNRRASFPKYGGVDGGCFDRHLIFSRFRPISVFREANEDESGFTCCAFSARERFLMLGTCT
GQLKLYNVFSGQEEASYNCHNSAITHLEPSRDGSLLLTSATWSQPLSALWGMKSVFDMKHSFTEDHYVEFSKHSQDRVIG
TKGDIAHIYDIQTGNKLLTLFNPDLANNYKRNCATFNPTDDLVLNDGVLWDVRSALAIHKFDKFNMNISGVFHPNGLEVI
INTEIWDLRTFHLLHTVPALDQCRVVFNHTGTVMYGAMLQADDEDDLMEERMKSPFGSSFRTFNATDYKPIATIDVKRNI
FDLCTDTKDCYLAVIENQGSMDALNMDTVCRLYEVGRQRLAEDEDEE
;
_entity_poly.pdbx_strand_id   A
#
# COMPACT_ATOMS: atom_id res chain seq x y z
N PHE A 46 9.36 19.51 2.57
CA PHE A 46 8.31 18.86 3.35
C PHE A 46 7.98 19.80 4.52
N ARG A 47 7.20 20.81 4.21
CA ARG A 47 6.76 21.75 5.24
C ARG A 47 5.57 21.07 5.92
N PRO A 48 5.62 20.86 7.24
CA PRO A 48 4.49 20.22 7.90
C PRO A 48 3.37 21.26 7.83
N ILE A 49 2.16 20.77 7.50
N ILE A 49 2.14 20.83 7.55
CA ILE A 49 0.94 21.56 7.18
CA ILE A 49 0.99 21.78 7.48
C ILE A 49 -0.16 21.32 8.22
C ILE A 49 -0.24 21.30 8.24
N SER A 50 -0.21 20.07 8.74
CA SER A 50 -1.23 19.66 9.71
C SER A 50 -0.72 18.46 10.50
N VAL A 51 -1.38 18.22 11.62
CA VAL A 51 -1.13 16.97 12.38
C VAL A 51 -2.44 16.65 13.08
N PHE A 52 -2.76 15.40 13.23
CA PHE A 52 -3.92 15.05 14.06
C PHE A 52 -3.79 13.62 14.56
N ARG A 53 -4.36 13.48 15.76
N ARG A 53 -4.44 13.45 15.68
CA ARG A 53 -4.52 12.21 16.55
CA ARG A 53 -4.59 12.12 16.29
C ARG A 53 -5.94 11.69 16.30
C ARG A 53 -5.99 11.61 16.07
N GLU A 54 -6.17 10.39 16.48
CA GLU A 54 -7.50 9.78 16.41
C GLU A 54 -8.40 10.34 17.50
N ALA A 55 -9.60 10.67 17.08
CA ALA A 55 -10.63 11.15 18.01
C ALA A 55 -11.13 10.00 18.90
N ASN A 56 -11.32 10.34 20.17
CA ASN A 56 -12.14 9.54 21.13
C ASN A 56 -11.27 8.39 21.65
N GLU A 57 -9.95 8.52 21.63
CA GLU A 57 -9.08 7.38 21.97
C GLU A 57 -8.02 7.92 22.90
N ASP A 58 -7.83 7.25 24.03
CA ASP A 58 -6.73 7.62 24.95
C ASP A 58 -5.42 7.61 24.15
N GLU A 59 -5.22 6.51 23.40
CA GLU A 59 -4.01 6.36 22.57
C GLU A 59 -4.59 6.15 21.15
N SER A 60 -4.03 6.93 20.29
CA SER A 60 -4.53 7.07 18.92
C SER A 60 -4.01 5.87 18.20
N GLY A 61 -4.86 5.25 17.40
CA GLY A 61 -4.57 4.00 16.77
C GLY A 61 -4.61 4.00 15.26
N PHE A 62 -4.32 5.12 14.60
CA PHE A 62 -4.22 5.07 13.17
C PHE A 62 -3.11 4.11 12.74
N THR A 63 -3.35 3.28 11.71
CA THR A 63 -2.38 2.30 11.21
C THR A 63 -2.10 2.52 9.74
N CYS A 64 -2.98 3.12 8.98
CA CYS A 64 -2.79 3.21 7.54
C CYS A 64 -3.65 4.35 7.03
N CYS A 65 -3.38 4.80 5.80
CA CYS A 65 -4.08 5.94 5.24
C CYS A 65 -4.10 5.93 3.70
N ALA A 66 -5.11 6.59 3.19
CA ALA A 66 -5.22 6.87 1.73
C ALA A 66 -6.17 7.98 1.54
N PHE A 67 -5.88 8.92 0.61
CA PHE A 67 -6.81 9.98 0.38
C PHE A 67 -8.09 9.41 -0.26
N SER A 68 -9.16 10.01 0.12
CA SER A 68 -10.50 9.70 -0.46
C SER A 68 -10.50 10.32 -1.85
N ALA A 69 -11.48 9.93 -2.65
CA ALA A 69 -11.88 10.62 -3.88
C ALA A 69 -12.36 12.05 -3.64
N ARG A 70 -12.50 12.53 -2.39
CA ARG A 70 -12.82 13.93 -2.06
C ARG A 70 -11.60 14.63 -1.39
N GLU A 71 -11.23 15.79 -1.92
CA GLU A 71 -10.08 16.61 -1.44
C GLU A 71 -10.20 16.97 0.05
N ARG A 72 -9.05 17.09 0.74
CA ARG A 72 -8.98 17.53 2.17
C ARG A 72 -9.49 16.40 3.12
N PHE A 73 -9.98 15.31 2.53
CA PHE A 73 -10.52 14.16 3.40
C PHE A 73 -9.75 12.88 3.19
N LEU A 74 -9.16 12.40 4.28
CA LEU A 74 -8.28 11.28 4.29
C LEU A 74 -9.04 10.12 4.92
N MET A 75 -8.85 8.93 4.37
N MET A 75 -8.86 8.93 4.35
CA MET A 75 -9.35 7.66 4.95
CA MET A 75 -9.35 7.66 4.93
C MET A 75 -8.19 7.05 5.74
C MET A 75 -8.19 7.05 5.74
N LEU A 76 -8.50 6.67 6.98
CA LEU A 76 -7.52 6.02 7.83
C LEU A 76 -8.05 4.69 8.35
N GLY A 77 -7.23 3.72 8.46
CA GLY A 77 -7.52 2.51 9.20
C GLY A 77 -6.92 2.55 10.58
N THR A 78 -7.50 1.78 11.49
CA THR A 78 -7.08 1.81 12.88
C THR A 78 -6.70 0.42 13.39
N CYS A 79 -6.12 0.42 14.58
CA CYS A 79 -5.70 -0.82 15.22
C CYS A 79 -6.88 -1.62 15.75
N THR A 80 -8.05 -1.04 15.78
CA THR A 80 -9.30 -1.72 16.20
C THR A 80 -10.05 -2.10 14.93
N GLY A 81 -9.47 -1.99 13.76
CA GLY A 81 -10.12 -2.45 12.51
C GLY A 81 -11.19 -1.47 12.01
N GLN A 82 -11.17 -0.21 12.44
CA GLN A 82 -12.12 0.78 12.01
C GLN A 82 -11.52 1.47 10.78
N LEU A 83 -12.43 1.90 9.93
N LEU A 83 -12.38 1.88 9.88
CA LEU A 83 -12.21 2.84 8.84
CA LEU A 83 -12.09 2.78 8.75
C LEU A 83 -12.74 4.17 9.28
C LEU A 83 -12.72 4.11 9.11
N LYS A 84 -11.97 5.23 9.03
CA LYS A 84 -12.39 6.54 9.45
C LYS A 84 -12.14 7.54 8.33
N LEU A 85 -13.01 8.51 8.25
CA LEU A 85 -12.78 9.67 7.37
C LEU A 85 -12.48 10.87 8.25
N TYR A 86 -11.42 11.60 7.92
CA TYR A 86 -10.97 12.78 8.65
C TYR A 86 -10.75 14.00 7.72
N ASN A 87 -11.06 15.12 8.28
CA ASN A 87 -10.58 16.42 7.74
C ASN A 87 -9.08 16.44 8.03
N VAL A 88 -8.29 16.55 6.97
N VAL A 88 -8.17 16.47 7.06
CA VAL A 88 -6.81 16.44 7.09
CA VAL A 88 -6.69 16.49 7.37
C VAL A 88 -6.18 17.73 7.68
C VAL A 88 -6.20 17.79 8.02
N PHE A 89 -6.95 18.86 7.84
CA PHE A 89 -6.51 20.15 8.42
C PHE A 89 -6.98 20.32 9.83
N SER A 90 -8.29 20.11 10.11
CA SER A 90 -8.81 20.37 11.46
C SER A 90 -8.58 19.15 12.33
N GLY A 91 -8.39 17.99 11.71
CA GLY A 91 -8.36 16.74 12.44
C GLY A 91 -9.75 16.22 12.84
N GLN A 92 -10.82 16.78 12.30
CA GLN A 92 -12.19 16.32 12.66
C GLN A 92 -12.53 14.98 12.04
N GLU A 93 -12.96 14.06 12.89
CA GLU A 93 -13.47 12.74 12.39
C GLU A 93 -14.87 12.98 11.82
N GLU A 94 -15.08 12.62 10.60
CA GLU A 94 -16.37 12.82 9.94
C GLU A 94 -17.21 11.53 9.88
N ALA A 95 -16.60 10.35 9.92
CA ALA A 95 -17.34 9.08 9.80
C ALA A 95 -16.45 7.97 10.23
N SER A 96 -17.07 6.90 10.75
N SER A 96 -17.07 6.83 10.45
CA SER A 96 -16.38 5.70 11.29
CA SER A 96 -16.34 5.63 10.84
C SER A 96 -17.17 4.43 10.94
C SER A 96 -17.20 4.43 10.55
N TYR A 97 -16.50 3.34 10.52
CA TYR A 97 -17.13 2.02 10.29
C TYR A 97 -16.19 0.98 10.81
N ASN A 98 -16.72 -0.07 11.39
CA ASN A 98 -15.89 -1.21 11.82
C ASN A 98 -15.77 -2.23 10.70
N CYS A 99 -14.65 -2.23 10.00
CA CYS A 99 -14.46 -3.18 8.90
C CYS A 99 -13.96 -4.55 9.36
N HIS A 100 -13.12 -4.58 10.41
CA HIS A 100 -12.51 -5.83 10.88
C HIS A 100 -12.36 -5.79 12.39
N ASN A 101 -12.26 -6.98 12.96
CA ASN A 101 -12.00 -7.13 14.41
C ASN A 101 -10.53 -7.41 14.66
N SER A 102 -9.69 -6.95 13.80
CA SER A 102 -8.23 -6.86 14.03
C SER A 102 -7.76 -5.62 13.30
N ALA A 103 -6.51 -5.18 13.57
CA ALA A 103 -6.02 -3.95 12.98
C ALA A 103 -6.03 -3.94 11.47
N ILE A 104 -6.34 -2.78 10.91
CA ILE A 104 -6.22 -2.53 9.47
C ILE A 104 -4.77 -2.37 9.12
N THR A 105 -4.30 -3.07 8.13
CA THR A 105 -2.91 -2.89 7.65
C THR A 105 -2.87 -2.14 6.34
N HIS A 106 -3.95 -2.10 5.58
CA HIS A 106 -3.92 -1.49 4.26
C HIS A 106 -5.35 -1.10 3.85
N LEU A 107 -5.46 0.03 3.17
CA LEU A 107 -6.69 0.38 2.47
C LEU A 107 -6.37 0.96 1.11
N GLU A 108 -7.34 0.83 0.21
CA GLU A 108 -7.23 1.45 -1.09
C GLU A 108 -8.60 1.86 -1.55
N PRO A 109 -8.96 3.14 -1.59
N PRO A 109 -8.85 3.15 -1.81
CA PRO A 109 -10.16 3.59 -2.27
CA PRO A 109 -10.09 3.60 -2.41
C PRO A 109 -10.08 3.56 -3.80
C PRO A 109 -9.99 3.37 -3.90
N SER A 110 -11.14 3.09 -4.47
CA SER A 110 -11.25 3.17 -5.93
C SER A 110 -11.22 4.64 -6.36
N ARG A 111 -10.78 4.85 -7.58
CA ARG A 111 -10.74 6.24 -8.10
C ARG A 111 -12.12 6.85 -8.20
N ASP A 112 -13.19 6.07 -8.46
CA ASP A 112 -14.52 6.64 -8.66
C ASP A 112 -15.24 6.87 -7.36
N GLY A 113 -14.61 6.58 -6.24
CA GLY A 113 -15.18 6.88 -4.93
C GLY A 113 -16.16 5.80 -4.44
N SER A 114 -16.43 4.77 -5.23
CA SER A 114 -17.58 3.84 -4.95
C SER A 114 -17.11 2.61 -4.15
N LEU A 115 -15.83 2.30 -4.13
CA LEU A 115 -15.36 1.04 -3.52
C LEU A 115 -14.14 1.28 -2.67
N LEU A 116 -13.88 0.41 -1.73
CA LEU A 116 -12.74 0.47 -0.84
C LEU A 116 -12.25 -0.95 -0.57
N LEU A 117 -10.95 -1.17 -0.71
CA LEU A 117 -10.33 -2.40 -0.25
C LEU A 117 -9.70 -2.19 1.13
N THR A 118 -9.78 -3.23 1.96
CA THR A 118 -9.14 -3.26 3.28
C THR A 118 -8.41 -4.58 3.42
N SER A 119 -7.36 -4.54 4.24
CA SER A 119 -6.67 -5.72 4.71
C SER A 119 -6.45 -5.57 6.20
N ALA A 120 -6.53 -6.65 6.92
CA ALA A 120 -6.40 -6.70 8.36
C ALA A 120 -5.27 -7.63 8.76
N THR A 121 -4.93 -7.63 10.04
N THR A 121 -5.00 -7.67 10.05
CA THR A 121 -3.79 -8.46 10.53
CA THR A 121 -3.83 -8.45 10.52
C THR A 121 -4.20 -9.88 10.86
C THR A 121 -4.18 -9.86 10.88
N TRP A 122 -5.36 -10.11 11.45
CA TRP A 122 -5.68 -11.41 12.03
C TRP A 122 -7.18 -11.56 12.14
N SER A 123 -7.81 -11.63 10.97
CA SER A 123 -9.26 -11.74 10.86
C SER A 123 -9.60 -12.78 9.82
N GLN A 124 -10.80 -13.28 9.89
CA GLN A 124 -11.32 -14.07 8.78
C GLN A 124 -12.69 -13.48 8.50
N PRO A 125 -12.86 -12.88 7.33
CA PRO A 125 -11.88 -12.78 6.27
C PRO A 125 -10.78 -11.77 6.54
N LEU A 126 -9.67 -11.98 5.90
CA LEU A 126 -8.46 -11.17 6.16
C LEU A 126 -8.48 -9.88 5.38
N SER A 127 -9.08 -9.86 4.19
CA SER A 127 -9.20 -8.66 3.35
C SER A 127 -10.66 -8.58 2.85
N ALA A 128 -11.06 -7.41 2.45
CA ALA A 128 -12.46 -7.28 1.99
C ALA A 128 -12.56 -6.11 1.04
N LEU A 129 -13.67 -6.12 0.32
CA LEU A 129 -14.08 -5.04 -0.59
C LEU A 129 -15.39 -4.47 -0.11
N TRP A 130 -15.47 -3.16 0.05
CA TRP A 130 -16.59 -2.43 0.59
C TRP A 130 -17.14 -1.49 -0.47
N GLY A 131 -18.43 -1.30 -0.42
CA GLY A 131 -19.12 -0.21 -1.12
C GLY A 131 -19.19 1.03 -0.30
N MET A 132 -19.07 2.21 -0.92
CA MET A 132 -19.18 3.50 -0.21
C MET A 132 -20.11 4.46 -0.95
N LYS A 133 -21.00 3.93 -1.75
CA LYS A 133 -22.09 4.67 -2.45
C LYS A 133 -23.35 4.59 -1.59
N SER A 134 -23.76 5.72 -1.00
CA SER A 134 -25.07 5.89 -0.34
C SER A 134 -24.97 5.29 1.04
N VAL A 135 -24.37 4.11 1.15
CA VAL A 135 -24.32 3.35 2.42
C VAL A 135 -22.96 2.65 2.41
N PHE A 136 -22.42 2.43 3.57
CA PHE A 136 -21.19 1.65 3.65
C PHE A 136 -21.56 0.17 3.80
N ASP A 137 -21.12 -0.70 2.91
CA ASP A 137 -21.53 -2.11 3.00
C ASP A 137 -20.40 -2.97 2.48
N MET A 138 -20.37 -4.20 2.95
N MET A 138 -20.40 -4.23 2.89
CA MET A 138 -19.40 -5.17 2.44
CA MET A 138 -19.39 -5.21 2.43
C MET A 138 -19.91 -5.71 1.12
C MET A 138 -19.85 -5.89 1.14
N LYS A 139 -19.02 -5.78 0.11
CA LYS A 139 -19.37 -6.38 -1.19
C LYS A 139 -18.84 -7.82 -1.29
N HIS A 140 -17.57 -8.03 -1.04
CA HIS A 140 -16.91 -9.32 -1.15
C HIS A 140 -15.82 -9.43 -0.12
N SER A 141 -15.49 -10.65 0.17
CA SER A 141 -14.32 -10.83 1.04
C SER A 141 -13.33 -11.80 0.48
N PHE A 142 -12.10 -11.74 1.02
N PHE A 142 -12.06 -11.73 0.95
CA PHE A 142 -10.94 -12.50 0.53
CA PHE A 142 -10.92 -12.45 0.35
C PHE A 142 -10.39 -13.20 1.76
C PHE A 142 -10.20 -13.14 1.51
N THR A 143 -10.68 -14.47 1.85
N THR A 143 -10.66 -14.36 1.77
CA THR A 143 -10.64 -15.13 3.16
CA THR A 143 -10.59 -15.06 3.06
C THR A 143 -9.24 -15.08 3.79
C THR A 143 -9.22 -14.94 3.73
N GLU A 144 -8.19 -15.29 3.02
CA GLU A 144 -6.84 -15.39 3.65
C GLU A 144 -5.86 -14.51 2.93
N ASP A 145 -6.31 -13.55 2.13
CA ASP A 145 -5.38 -12.66 1.44
C ASP A 145 -4.97 -11.60 2.45
N HIS A 146 -3.66 -11.42 2.60
CA HIS A 146 -3.09 -10.45 3.56
C HIS A 146 -2.93 -9.07 2.94
N TYR A 147 -3.10 -8.94 1.64
CA TYR A 147 -2.93 -7.66 0.95
C TYR A 147 -3.77 -7.71 -0.28
N VAL A 148 -4.32 -6.59 -0.69
CA VAL A 148 -5.16 -6.47 -1.87
C VAL A 148 -4.87 -5.15 -2.56
N GLU A 149 -5.02 -5.14 -3.87
CA GLU A 149 -4.97 -3.89 -4.68
C GLU A 149 -6.02 -3.96 -5.77
N PHE A 150 -6.51 -2.82 -6.21
CA PHE A 150 -7.27 -2.75 -7.45
C PHE A 150 -6.38 -2.93 -8.68
N SER A 151 -7.01 -3.41 -9.75
CA SER A 151 -6.47 -3.18 -11.07
C SER A 151 -6.35 -1.66 -11.28
N LYS A 152 -5.64 -1.29 -12.34
CA LYS A 152 -5.15 0.11 -12.51
C LYS A 152 -5.81 0.79 -13.67
N HIS A 153 -5.82 0.23 -14.86
CA HIS A 153 -6.35 0.95 -16.04
C HIS A 153 -7.86 1.01 -15.90
N SER A 154 -8.46 -0.15 -15.72
CA SER A 154 -9.91 -0.33 -15.50
C SER A 154 -10.05 -1.02 -14.16
N GLN A 155 -10.72 -0.37 -13.22
CA GLN A 155 -10.73 -0.91 -11.87
C GLN A 155 -11.88 -1.90 -11.78
N ASP A 156 -11.76 -3.02 -12.45
CA ASP A 156 -12.80 -4.07 -12.48
C ASP A 156 -12.35 -5.35 -11.80
N ARG A 157 -11.12 -5.35 -11.27
N ARG A 157 -11.11 -5.35 -11.28
CA ARG A 157 -10.56 -6.54 -10.64
CA ARG A 157 -10.49 -6.53 -10.67
C ARG A 157 -9.81 -6.14 -9.39
C ARG A 157 -9.78 -6.14 -9.38
N VAL A 158 -9.62 -7.14 -8.55
CA VAL A 158 -8.81 -7.05 -7.35
C VAL A 158 -7.73 -8.10 -7.51
N ILE A 159 -6.54 -7.75 -7.07
CA ILE A 159 -5.49 -8.75 -6.91
C ILE A 159 -5.12 -8.87 -5.45
N GLY A 160 -5.23 -10.06 -4.87
CA GLY A 160 -4.85 -10.34 -3.51
C GLY A 160 -3.61 -11.20 -3.43
N THR A 161 -2.93 -11.11 -2.33
CA THR A 161 -1.75 -11.93 -2.05
C THR A 161 -2.03 -12.78 -0.83
N LYS A 162 -1.75 -14.06 -0.97
CA LYS A 162 -1.80 -15.04 0.14
C LYS A 162 -0.43 -15.68 0.20
N GLY A 163 0.44 -15.20 1.06
CA GLY A 163 1.83 -15.65 1.10
C GLY A 163 2.50 -15.44 -0.26
N ASP A 164 2.93 -16.52 -0.87
CA ASP A 164 3.64 -16.50 -2.14
C ASP A 164 2.70 -16.54 -3.35
N ILE A 165 1.41 -16.56 -3.10
CA ILE A 165 0.40 -16.82 -4.15
C ILE A 165 -0.36 -15.55 -4.46
N ALA A 166 -0.63 -15.27 -5.72
CA ALA A 166 -1.51 -14.16 -6.12
C ALA A 166 -2.85 -14.72 -6.57
N HIS A 167 -3.88 -14.03 -6.19
CA HIS A 167 -5.30 -14.32 -6.53
C HIS A 167 -5.93 -13.12 -7.23
N ILE A 168 -6.53 -13.32 -8.41
CA ILE A 168 -7.18 -12.23 -9.12
C ILE A 168 -8.68 -12.50 -9.09
N TYR A 169 -9.41 -11.53 -8.62
CA TYR A 169 -10.88 -11.58 -8.48
C TYR A 169 -11.58 -10.58 -9.36
N ASP A 170 -12.77 -10.99 -9.79
CA ASP A 170 -13.71 -10.06 -10.47
C ASP A 170 -14.44 -9.22 -9.42
N ILE A 171 -14.48 -7.91 -9.58
CA ILE A 171 -15.17 -7.05 -8.59
C ILE A 171 -16.68 -7.36 -8.59
N GLN A 172 -17.29 -7.51 -9.72
CA GLN A 172 -18.78 -7.62 -9.73
C GLN A 172 -19.20 -8.94 -9.09
N THR A 173 -18.61 -10.06 -9.51
CA THR A 173 -19.07 -11.38 -8.96
C THR A 173 -18.33 -11.76 -7.70
N GLY A 174 -17.14 -11.23 -7.52
CA GLY A 174 -16.27 -11.60 -6.42
C GLY A 174 -15.56 -12.91 -6.70
N ASN A 175 -15.77 -13.49 -7.86
CA ASN A 175 -15.21 -14.83 -8.17
C ASN A 175 -13.71 -14.69 -8.30
N LYS A 176 -13.00 -15.71 -7.86
CA LYS A 176 -11.56 -15.88 -8.12
C LYS A 176 -11.36 -16.36 -9.56
N LEU A 177 -10.81 -15.50 -10.39
CA LEU A 177 -10.59 -15.76 -11.82
C LEU A 177 -9.33 -16.54 -12.01
N LEU A 178 -8.30 -16.30 -11.20
N LEU A 178 -8.27 -16.18 -11.28
CA LEU A 178 -6.95 -16.74 -11.56
CA LEU A 178 -6.95 -16.81 -11.48
C LEU A 178 -6.11 -16.83 -10.29
C LEU A 178 -6.26 -16.93 -10.15
N THR A 179 -5.40 -17.94 -10.12
CA THR A 179 -4.37 -18.13 -9.10
C THR A 179 -3.04 -18.17 -9.80
N LEU A 180 -2.13 -17.29 -9.45
CA LEU A 180 -0.82 -17.21 -10.08
C LEU A 180 0.19 -17.66 -9.05
N PHE A 181 0.81 -18.81 -9.27
CA PHE A 181 1.77 -19.40 -8.35
C PHE A 181 2.52 -20.51 -9.13
N ASN A 182 3.84 -20.45 -9.10
CA ASN A 182 4.72 -21.49 -9.75
C ASN A 182 5.72 -21.84 -8.65
N PRO A 183 5.67 -23.01 -7.98
CA PRO A 183 6.56 -23.27 -6.85
C PRO A 183 8.01 -23.35 -7.32
N ASP A 184 8.25 -23.62 -8.58
CA ASP A 184 9.61 -23.72 -9.17
C ASP A 184 10.19 -22.35 -9.44
N LEU A 185 9.37 -21.30 -9.47
CA LEU A 185 9.88 -19.95 -9.72
C LEU A 185 9.77 -19.09 -8.45
N ALA A 186 9.19 -19.57 -7.40
CA ALA A 186 8.94 -18.74 -6.21
C ALA A 186 10.25 -18.22 -5.62
N ASN A 187 10.25 -16.98 -5.18
CA ASN A 187 11.30 -16.37 -4.35
C ASN A 187 10.96 -16.36 -2.85
N ASN A 188 9.72 -16.56 -2.48
CA ASN A 188 9.32 -16.61 -1.08
C ASN A 188 9.68 -15.31 -0.36
N TYR A 189 9.45 -14.19 -0.99
CA TYR A 189 9.67 -12.90 -0.32
C TYR A 189 8.76 -12.75 0.88
N LYS A 190 9.34 -12.28 1.98
CA LYS A 190 8.59 -12.21 3.25
C LYS A 190 7.58 -11.10 3.22
N ARG A 191 7.68 -10.09 2.38
CA ARG A 191 6.71 -9.03 2.26
C ARG A 191 6.13 -9.05 0.85
N ASN A 192 5.99 -10.26 0.29
CA ASN A 192 5.39 -10.36 -1.07
C ASN A 192 4.07 -9.61 -1.10
N CYS A 193 3.87 -8.77 -2.12
CA CYS A 193 2.62 -8.08 -2.43
C CYS A 193 2.44 -8.11 -3.94
N ALA A 194 1.45 -8.88 -4.39
CA ALA A 194 1.18 -8.97 -5.83
C ALA A 194 0.56 -7.68 -6.31
N THR A 195 0.78 -7.36 -7.57
CA THR A 195 0.40 -6.05 -8.13
C THR A 195 0.21 -6.13 -9.63
N PHE A 196 -0.79 -5.43 -10.16
CA PHE A 196 -0.92 -5.28 -11.59
C PHE A 196 -0.02 -4.15 -12.11
N ASN A 197 0.33 -4.22 -13.39
CA ASN A 197 0.96 -3.11 -14.08
C ASN A 197 -0.09 -2.10 -14.51
N PRO A 198 0.36 -0.97 -15.11
CA PRO A 198 -0.58 0.12 -15.46
C PRO A 198 -1.69 -0.25 -16.43
N THR A 199 -1.44 -1.22 -17.28
CA THR A 199 -2.41 -1.66 -18.30
C THR A 199 -3.13 -2.94 -17.85
N ASP A 200 -2.92 -3.41 -16.64
CA ASP A 200 -3.64 -4.58 -16.04
C ASP A 200 -3.34 -5.89 -16.76
N ASP A 201 -2.32 -5.94 -17.60
CA ASP A 201 -2.08 -7.13 -18.43
C ASP A 201 -0.88 -7.90 -17.97
N LEU A 202 -0.08 -7.33 -17.06
CA LEU A 202 1.01 -8.04 -16.39
C LEU A 202 0.83 -7.96 -14.87
N VAL A 203 1.38 -8.96 -14.20
CA VAL A 203 1.35 -9.02 -12.73
C VAL A 203 2.76 -9.29 -12.28
N LEU A 204 3.15 -8.69 -11.17
N LEU A 204 3.18 -8.64 -11.20
CA LEU A 204 4.40 -9.04 -10.46
CA LEU A 204 4.36 -9.07 -10.41
C LEU A 204 3.99 -9.73 -9.15
C LEU A 204 3.83 -9.81 -9.18
N ASN A 205 4.35 -10.99 -8.97
CA ASN A 205 4.04 -11.75 -7.79
C ASN A 205 5.30 -12.47 -7.37
N ASP A 206 5.79 -12.21 -6.16
CA ASP A 206 6.93 -12.97 -5.59
C ASP A 206 8.17 -12.94 -6.54
N GLY A 207 8.35 -11.81 -7.19
CA GLY A 207 9.53 -11.65 -8.08
C GLY A 207 9.36 -12.28 -9.40
N VAL A 208 8.19 -12.74 -9.73
CA VAL A 208 7.90 -13.38 -11.05
C VAL A 208 6.94 -12.44 -11.80
N LEU A 209 7.23 -12.22 -13.07
CA LEU A 209 6.39 -11.46 -14.00
C LEU A 209 5.48 -12.43 -14.70
N TRP A 210 4.19 -12.19 -14.60
CA TRP A 210 3.14 -13.00 -15.18
C TRP A 210 2.40 -12.21 -16.25
N ASP A 211 2.08 -12.90 -17.34
CA ASP A 211 1.13 -12.33 -18.32
C ASP A 211 -0.25 -12.79 -17.92
N VAL A 212 -1.18 -11.88 -17.69
CA VAL A 212 -2.51 -12.15 -17.14
C VAL A 212 -3.36 -12.94 -18.14
N ARG A 213 -3.36 -12.54 -19.39
CA ARG A 213 -4.20 -13.25 -20.40
C ARG A 213 -3.77 -14.72 -20.56
N SER A 214 -2.51 -15.01 -20.53
CA SER A 214 -1.98 -16.37 -20.76
C SER A 214 -1.89 -17.13 -19.43
N ALA A 215 -1.91 -16.42 -18.32
CA ALA A 215 -1.62 -17.03 -16.99
C ALA A 215 -0.29 -17.77 -17.04
N LEU A 216 0.71 -17.19 -17.67
CA LEU A 216 2.03 -17.76 -17.86
C LEU A 216 3.01 -16.85 -17.18
N ALA A 217 3.99 -17.43 -16.53
CA ALA A 217 5.17 -16.71 -16.06
C ALA A 217 6.03 -16.36 -17.25
N ILE A 218 6.31 -15.11 -17.44
CA ILE A 218 7.16 -14.57 -18.51
C ILE A 218 8.62 -14.57 -18.05
N HIS A 219 8.90 -14.22 -16.79
CA HIS A 219 10.28 -14.01 -16.36
C HIS A 219 10.33 -14.14 -14.85
N LYS A 220 11.35 -14.78 -14.35
CA LYS A 220 11.64 -14.79 -12.91
C LYS A 220 12.83 -13.88 -12.67
N PHE A 221 12.63 -12.83 -11.89
CA PHE A 221 13.72 -11.95 -11.50
C PHE A 221 14.49 -12.62 -10.37
N ASP A 222 15.79 -12.51 -10.46
CA ASP A 222 16.64 -13.10 -9.42
C ASP A 222 16.38 -12.48 -8.07
N LYS A 223 16.59 -13.26 -7.06
CA LYS A 223 16.30 -12.84 -5.67
C LYS A 223 17.56 -12.28 -5.02
N PHE A 224 17.51 -11.01 -4.67
CA PHE A 224 18.67 -10.32 -4.12
C PHE A 224 18.36 -9.72 -2.76
N ASN A 225 17.21 -10.03 -2.19
CA ASN A 225 16.90 -9.62 -0.80
C ASN A 225 15.85 -10.60 -0.27
N MET A 226 15.55 -10.50 0.98
CA MET A 226 14.62 -11.46 1.59
C MET A 226 13.19 -11.01 1.62
N ASN A 227 12.91 -9.72 1.48
CA ASN A 227 11.62 -9.15 1.86
C ASN A 227 10.84 -8.55 0.72
N ILE A 228 11.43 -7.60 0.00
CA ILE A 228 10.76 -6.74 -0.94
C ILE A 228 10.56 -7.45 -2.28
N SER A 229 9.34 -7.50 -2.77
CA SER A 229 9.03 -8.27 -3.98
C SER A 229 8.94 -7.41 -5.24
N GLY A 230 8.69 -6.12 -5.09
CA GLY A 230 8.72 -5.26 -6.28
C GLY A 230 7.41 -4.65 -6.68
N VAL A 231 7.53 -3.55 -7.43
CA VAL A 231 6.39 -2.78 -8.00
C VAL A 231 6.70 -2.45 -9.43
N PHE A 232 5.66 -2.17 -10.19
CA PHE A 232 5.79 -1.58 -11.51
C PHE A 232 5.99 -0.10 -11.43
N HIS A 233 6.86 0.44 -12.24
CA HIS A 233 6.86 1.90 -12.45
C HIS A 233 5.59 2.27 -13.21
N PRO A 234 4.99 3.43 -12.92
CA PRO A 234 3.80 3.88 -13.66
C PRO A 234 4.04 4.03 -15.13
N ASN A 235 5.28 4.18 -15.59
CA ASN A 235 5.62 4.35 -16.99
C ASN A 235 5.39 3.04 -17.76
N GLY A 236 5.13 1.93 -17.11
CA GLY A 236 4.88 0.65 -17.78
C GLY A 236 6.09 -0.02 -18.40
N LEU A 237 7.27 0.56 -18.23
CA LEU A 237 8.44 0.03 -18.92
C LEU A 237 9.43 -0.63 -17.94
N GLU A 238 9.32 -0.34 -16.68
CA GLU A 238 10.37 -0.71 -15.72
C GLU A 238 9.73 -1.32 -14.50
N VAL A 239 10.55 -2.07 -13.76
N VAL A 239 10.45 -2.24 -13.85
N VAL A 239 10.41 -2.29 -13.89
CA VAL A 239 10.13 -2.87 -12.58
CA VAL A 239 10.00 -2.84 -12.56
CA VAL A 239 10.04 -2.71 -12.51
C VAL A 239 11.14 -2.56 -11.51
C VAL A 239 11.10 -2.53 -11.54
C VAL A 239 11.11 -2.29 -11.55
N ILE A 240 10.70 -2.15 -10.31
CA ILE A 240 11.57 -1.70 -9.24
C ILE A 240 11.51 -2.80 -8.18
N ILE A 241 12.53 -3.59 -8.06
CA ILE A 241 12.53 -4.72 -7.10
C ILE A 241 13.67 -4.44 -6.13
N ASN A 242 13.30 -3.87 -5.00
CA ASN A 242 14.25 -3.50 -3.97
C ASN A 242 15.26 -2.52 -4.58
N THR A 243 16.55 -2.83 -4.63
CA THR A 243 17.61 -1.95 -5.13
C THR A 243 17.76 -2.06 -6.65
N GLU A 244 17.09 -2.97 -7.28
CA GLU A 244 17.29 -3.20 -8.71
C GLU A 244 16.15 -2.58 -9.54
N ILE A 245 16.49 -1.89 -10.60
CA ILE A 245 15.48 -1.40 -11.59
C ILE A 245 15.74 -2.15 -12.86
N TRP A 246 14.76 -2.90 -13.28
CA TRP A 246 14.87 -3.74 -14.46
C TRP A 246 14.02 -3.19 -15.61
N ASP A 247 14.53 -3.28 -16.83
CA ASP A 247 13.73 -2.92 -18.02
C ASP A 247 12.82 -4.06 -18.40
N LEU A 248 11.53 -3.84 -18.65
CA LEU A 248 10.62 -4.93 -19.08
C LEU A 248 10.77 -5.35 -20.53
N ARG A 249 11.43 -4.58 -21.38
N ARG A 249 11.41 -4.55 -21.37
CA ARG A 249 11.53 -4.91 -22.82
CA ARG A 249 11.51 -4.93 -22.78
C ARG A 249 12.88 -5.54 -23.15
C ARG A 249 12.75 -5.81 -22.96
N THR A 250 13.81 -5.53 -22.18
CA THR A 250 15.11 -6.17 -22.42
C THR A 250 15.53 -7.03 -21.21
N PHE A 251 14.96 -6.84 -20.07
CA PHE A 251 15.36 -7.43 -18.77
C PHE A 251 16.80 -7.08 -18.47
N HIS A 252 17.30 -5.95 -18.99
CA HIS A 252 18.60 -5.42 -18.52
C HIS A 252 18.41 -4.69 -17.23
N LEU A 253 19.46 -4.65 -16.45
CA LEU A 253 19.54 -3.85 -15.24
C LEU A 253 19.84 -2.41 -15.63
N LEU A 254 18.85 -1.52 -15.33
CA LEU A 254 18.95 -0.12 -15.65
C LEU A 254 19.60 0.68 -14.56
N HIS A 255 19.29 0.37 -13.33
CA HIS A 255 19.84 1.17 -12.22
C HIS A 255 19.98 0.27 -11.00
N THR A 256 20.96 0.67 -10.20
CA THR A 256 21.13 0.19 -8.83
C THR A 256 20.77 1.40 -7.96
N VAL A 257 19.84 1.24 -7.00
CA VAL A 257 19.51 2.37 -6.10
C VAL A 257 19.67 1.88 -4.65
N PRO A 258 20.86 1.97 -4.12
CA PRO A 258 21.15 1.39 -2.79
C PRO A 258 20.20 1.85 -1.70
N ALA A 259 19.79 3.13 -1.78
CA ALA A 259 18.91 3.71 -0.71
C ALA A 259 17.51 3.21 -0.81
N LEU A 260 17.11 2.47 -1.85
CA LEU A 260 15.81 1.81 -1.88
C LEU A 260 15.83 0.47 -1.11
N ASP A 261 16.97 0.06 -0.53
CA ASP A 261 17.01 -1.27 0.11
C ASP A 261 15.94 -1.30 1.23
N GLN A 262 15.15 -2.32 1.19
CA GLN A 262 14.12 -2.65 2.19
C GLN A 262 13.04 -1.60 2.20
N CYS A 263 12.87 -0.87 1.14
CA CYS A 263 11.79 0.14 1.07
C CYS A 263 10.54 -0.35 0.42
N ARG A 264 9.41 0.03 1.02
N ARG A 264 9.41 -0.06 1.05
CA ARG A 264 8.09 -0.04 0.35
CA ARG A 264 8.10 -0.04 0.37
C ARG A 264 7.86 1.25 -0.41
C ARG A 264 8.09 1.26 -0.43
N VAL A 265 7.73 1.14 -1.71
CA VAL A 265 7.75 2.28 -2.66
C VAL A 265 6.33 2.73 -2.98
N VAL A 266 6.11 4.02 -2.90
CA VAL A 266 4.83 4.66 -3.27
C VAL A 266 5.20 5.73 -4.32
N PHE A 267 4.47 5.81 -5.44
CA PHE A 267 4.62 6.92 -6.42
C PHE A 267 3.59 8.01 -6.15
N ASN A 268 3.94 9.19 -6.49
CA ASN A 268 2.94 10.27 -6.57
C ASN A 268 2.07 9.98 -7.81
N HIS A 269 0.97 10.73 -7.94
CA HIS A 269 -0.07 10.42 -8.94
C HIS A 269 0.43 10.74 -10.33
N THR A 270 1.32 11.68 -10.49
CA THR A 270 1.90 12.05 -11.78
C THR A 270 2.98 11.05 -12.15
N GLY A 271 3.50 10.29 -11.21
CA GLY A 271 4.53 9.30 -11.46
C GLY A 271 5.88 9.93 -11.66
N THR A 272 6.14 11.11 -11.04
CA THR A 272 7.38 11.87 -11.15
C THR A 272 8.30 11.72 -9.95
N VAL A 273 7.69 11.28 -8.86
CA VAL A 273 8.45 11.09 -7.62
C VAL A 273 8.04 9.80 -6.95
N MET A 274 9.04 9.13 -6.38
CA MET A 274 8.73 7.91 -5.61
C MET A 274 9.19 8.12 -4.18
N TYR A 275 8.44 7.59 -3.22
CA TYR A 275 8.69 7.71 -1.77
C TYR A 275 8.98 6.29 -1.28
N GLY A 276 10.16 6.09 -0.69
CA GLY A 276 10.47 4.79 -0.09
C GLY A 276 10.55 4.88 1.42
N ALA A 277 9.94 3.96 2.12
CA ALA A 277 10.00 3.93 3.58
C ALA A 277 10.56 2.57 3.98
N MET A 278 11.68 2.56 4.70
CA MET A 278 12.47 1.31 4.94
C MET A 278 11.81 0.50 6.03
N LEU A 279 11.70 -0.79 5.82
CA LEU A 279 11.31 -1.78 6.84
C LEU A 279 12.19 -1.62 8.10
N GLN A 280 11.50 -1.71 9.22
CA GLN A 280 12.07 -1.84 10.61
C GLN A 280 13.02 -3.06 10.56
N ALA A 281 14.27 -2.86 10.95
CA ALA A 281 15.32 -3.91 11.00
C ALA A 281 15.28 -4.63 12.36
N MET A 292 4.23 -3.68 20.20
N MET A 292 3.82 -3.61 20.01
CA MET A 292 3.64 -3.72 18.83
CA MET A 292 3.46 -3.29 18.60
C MET A 292 4.68 -3.18 17.83
C MET A 292 4.76 -3.09 17.80
N LYS A 293 5.25 -4.08 17.01
CA LYS A 293 6.20 -3.75 15.94
C LYS A 293 5.49 -2.81 14.92
N SER A 294 6.15 -1.71 14.57
N SER A 294 6.15 -1.70 14.58
CA SER A 294 5.80 -0.90 13.39
CA SER A 294 5.81 -0.90 13.38
C SER A 294 6.34 -1.66 12.15
C SER A 294 6.34 -1.68 12.15
N PRO A 295 5.69 -1.59 11.00
CA PRO A 295 6.24 -2.21 9.83
C PRO A 295 7.53 -1.52 9.32
N PHE A 296 7.63 -0.22 9.51
CA PHE A 296 8.69 0.61 8.92
C PHE A 296 9.43 1.33 10.05
N GLY A 297 10.65 1.82 9.75
CA GLY A 297 11.37 2.72 10.62
C GLY A 297 10.92 4.15 10.55
N SER A 298 11.81 5.05 10.92
CA SER A 298 11.40 6.44 11.17
C SER A 298 11.72 7.35 9.99
N SER A 299 12.22 6.84 8.90
N SER A 299 12.32 6.87 8.92
CA SER A 299 12.64 7.70 7.78
CA SER A 299 12.69 7.72 7.77
C SER A 299 11.92 7.34 6.50
C SER A 299 11.93 7.35 6.51
N PHE A 300 11.76 8.31 5.62
CA PHE A 300 11.39 8.04 4.24
C PHE A 300 12.37 8.80 3.37
N ARG A 301 12.44 8.28 2.17
CA ARG A 301 13.32 8.85 1.15
C ARG A 301 12.52 9.10 -0.10
N THR A 302 12.89 10.13 -0.81
N THR A 302 12.87 10.17 -0.79
CA THR A 302 12.21 10.49 -2.07
CA THR A 302 12.25 10.52 -2.09
C THR A 302 13.24 10.41 -3.19
C THR A 302 13.28 10.41 -3.20
N PHE A 303 12.81 9.98 -4.36
CA PHE A 303 13.67 9.84 -5.55
C PHE A 303 12.91 10.41 -6.74
N ASN A 304 13.64 10.90 -7.68
CA ASN A 304 13.12 11.31 -8.99
C ASN A 304 12.75 10.03 -9.74
N ALA A 305 11.49 9.93 -10.19
CA ALA A 305 11.04 8.66 -10.81
C ALA A 305 11.59 8.48 -12.21
N THR A 306 12.20 9.51 -12.81
CA THR A 306 12.70 9.49 -14.18
C THR A 306 14.12 8.98 -14.15
N ASP A 307 14.97 9.45 -13.24
CA ASP A 307 16.39 9.11 -13.30
C ASP A 307 16.80 8.41 -12.02
N TYR A 308 15.90 8.20 -11.06
CA TYR A 308 16.13 7.51 -9.78
C TYR A 308 17.11 8.26 -8.91
N LYS A 309 17.41 9.52 -9.16
CA LYS A 309 18.31 10.29 -8.29
C LYS A 309 17.58 10.59 -6.99
N PRO A 310 18.27 10.47 -5.84
CA PRO A 310 17.71 10.87 -4.56
C PRO A 310 17.32 12.33 -4.63
N ILE A 311 16.23 12.65 -3.95
CA ILE A 311 15.77 14.04 -3.79
C ILE A 311 15.94 14.41 -2.31
N ALA A 312 15.40 13.63 -1.40
CA ALA A 312 15.38 14.00 0.04
C ALA A 312 15.37 12.74 0.88
N THR A 313 15.94 12.86 2.06
CA THR A 313 15.85 11.84 3.09
C THR A 313 15.28 12.54 4.30
N ILE A 314 14.17 12.07 4.84
CA ILE A 314 13.48 12.77 5.93
C ILE A 314 13.41 11.79 7.13
N ASP A 315 14.04 12.10 8.24
CA ASP A 315 13.89 11.26 9.44
C ASP A 315 12.85 11.97 10.34
N VAL A 316 11.64 11.44 10.46
CA VAL A 316 10.58 12.12 11.28
C VAL A 316 10.74 11.69 12.73
N LYS A 317 11.73 10.85 13.07
CA LYS A 317 12.06 10.42 14.44
C LYS A 317 10.93 9.71 15.16
N ARG A 318 10.01 9.13 14.43
CA ARG A 318 8.87 8.35 14.89
C ARG A 318 8.72 7.23 13.89
N ASN A 319 8.41 6.04 14.33
CA ASN A 319 8.29 4.90 13.39
C ASN A 319 7.08 5.17 12.49
N ILE A 320 7.22 4.86 11.23
CA ILE A 320 6.17 5.12 10.22
C ILE A 320 5.35 3.89 9.98
N PHE A 321 4.02 4.06 9.91
CA PHE A 321 3.11 2.95 9.62
C PHE A 321 2.63 3.00 8.17
N ASP A 322 2.56 4.19 7.60
CA ASP A 322 2.09 4.31 6.19
C ASP A 322 2.40 5.69 5.72
N LEU A 323 2.35 5.86 4.40
CA LEU A 323 2.35 7.18 3.79
C LEU A 323 1.63 7.15 2.43
N CYS A 324 1.10 8.26 2.06
CA CYS A 324 0.36 8.42 0.78
C CYS A 324 0.37 9.84 0.33
N THR A 325 -0.01 10.06 -0.94
CA THR A 325 -0.25 11.40 -1.48
C THR A 325 -1.64 11.55 -2.00
N ASP A 326 -2.04 12.81 -2.10
CA ASP A 326 -3.37 13.16 -2.62
C ASP A 326 -3.24 13.04 -4.15
N THR A 327 -4.37 13.08 -4.81
CA THR A 327 -4.37 12.87 -6.28
C THR A 327 -3.76 14.05 -7.00
N LYS A 328 -3.73 15.27 -6.40
CA LYS A 328 -3.14 16.44 -7.03
C LYS A 328 -1.68 16.60 -6.68
N ASP A 329 -1.22 15.70 -5.81
CA ASP A 329 0.19 15.66 -5.39
C ASP A 329 0.63 16.95 -4.70
N CYS A 330 -0.29 17.55 -4.00
CA CYS A 330 0.06 18.70 -3.18
C CYS A 330 0.72 18.22 -1.88
N TYR A 331 0.29 17.06 -1.42
CA TYR A 331 0.54 16.68 -0.01
C TYR A 331 1.12 15.26 0.09
N LEU A 332 1.80 15.03 1.23
CA LEU A 332 2.17 13.71 1.71
C LEU A 332 1.58 13.51 3.09
N ALA A 333 0.78 12.48 3.26
CA ALA A 333 0.30 12.15 4.60
C ALA A 333 1.10 10.98 5.12
N VAL A 334 1.56 11.08 6.39
CA VAL A 334 2.35 9.99 7.00
C VAL A 334 1.71 9.61 8.36
N ILE A 335 1.65 8.32 8.60
CA ILE A 335 1.24 7.84 9.94
C ILE A 335 2.50 7.58 10.73
N GLU A 336 2.65 8.27 11.82
CA GLU A 336 3.89 8.32 12.61
C GLU A 336 3.55 7.91 14.04
N ASN A 337 4.28 6.99 14.66
CA ASN A 337 3.94 6.55 16.04
C ASN A 337 4.72 7.37 17.01
N GLN A 338 4.05 8.07 17.93
CA GLN A 338 4.69 8.76 19.02
C GLN A 338 5.26 7.77 20.04
N GLY A 339 4.67 6.59 20.08
CA GLY A 339 5.12 5.59 21.08
C GLY A 339 6.16 4.65 20.46
N SER A 340 6.95 4.05 21.34
CA SER A 340 7.89 3.01 20.92
C SER A 340 7.11 1.68 20.69
N MET A 341 7.86 0.70 20.19
N MET A 341 7.78 0.66 20.14
CA MET A 341 7.33 -0.65 19.92
CA MET A 341 7.15 -0.66 19.98
C MET A 341 7.12 -1.38 21.25
C MET A 341 6.83 -1.24 21.34
N ASP A 342 7.56 -0.81 22.37
CA ASP A 342 7.46 -1.36 23.75
C ASP A 342 6.26 -0.75 24.44
N ALA A 343 5.60 0.27 23.87
CA ALA A 343 4.50 0.93 24.54
C ALA A 343 3.38 -0.06 24.79
N LEU A 344 2.62 0.13 25.83
CA LEU A 344 1.45 -0.73 26.05
C LEU A 344 0.54 -0.55 24.84
N ASN A 345 0.41 0.67 24.33
CA ASN A 345 -0.61 0.98 23.28
C ASN A 345 0.06 1.87 22.23
N MET A 346 -0.20 1.64 20.98
CA MET A 346 0.32 2.59 19.95
C MET A 346 -0.34 3.97 20.18
N ASP A 347 0.28 5.02 19.65
CA ASP A 347 -0.19 6.41 19.83
C ASP A 347 0.29 7.18 18.57
N THR A 348 -0.39 6.90 17.48
CA THR A 348 0.02 7.45 16.21
C THR A 348 -0.63 8.82 15.96
N VAL A 349 0.02 9.52 15.07
CA VAL A 349 -0.50 10.79 14.52
C VAL A 349 -0.50 10.61 13.02
N CYS A 350 -1.36 11.36 12.37
CA CYS A 350 -1.17 11.65 10.93
C CYS A 350 -0.62 13.04 10.75
N ARG A 351 0.53 13.10 10.05
CA ARG A 351 1.19 14.35 9.72
C ARG A 351 1.03 14.57 8.24
N LEU A 352 0.58 15.75 7.90
CA LEU A 352 0.44 16.17 6.49
C LEU A 352 1.57 17.13 6.15
N TYR A 353 2.29 16.84 5.07
CA TYR A 353 3.41 17.70 4.64
C TYR A 353 3.00 18.26 3.27
N GLU A 354 3.35 19.51 3.05
CA GLU A 354 3.25 20.11 1.70
C GLU A 354 4.49 19.69 0.93
N VAL A 355 4.33 19.06 -0.25
CA VAL A 355 5.53 18.71 -1.06
C VAL A 355 5.80 19.87 -2.03
#